data_6VRF
#
_entry.id   6VRF
#
_cell.length_a   56.223
_cell.length_b   114.625
_cell.length_c   120.005
_cell.angle_alpha   90.00
_cell.angle_beta   90.00
_cell.angle_gamma   90.00
#
_symmetry.space_group_name_H-M   'P 21 21 21'
#
loop_
_entity.id
_entity.type
_entity.pdbx_description
1 polymer 'Tau-tubulin kinase 2'
2 non-polymer "ADENOSINE-5'-DIPHOSPHATE"
3 non-polymer 'PHOSPHATE ION'
4 non-polymer 'SODIUM ION'
5 non-polymer 'MAGNESIUM ION'
6 non-polymer GLYCEROL
7 water water
#
_entity_poly.entity_id   1
_entity_poly.type   'polypeptide(L)'
_entity_poly.pdbx_seq_one_letter_code
;MSGGGEQPDILSVGILVKERWKVLRKIGGGGFGEIYDALDMLTRENVALKVESAQQPKQVLKMEVAVLKKLQGKDHVCRF
IGCGRNDRFNYVVMQLQGRNLADLRRSQSRGTFTISTTLRLGRQILESIESIHSVGFLHRDIKPSNFAMGRFPSTCRKCY
MLDFGLARQFTNSCGDVRPPRAVAGFRGTVRYASINAHRNREMGRHDDLWSLFYMLVEFVVGQLPWRKIKDKEQVGSIKE
RYDHRLMLKHLPPEFSIFLDHISSLDYFTKPDYQLLTSVFDNSIKTFGVIESDPFDWEK
;
_entity_poly.pdbx_strand_id   A,B
#
loop_
_chem_comp.id
_chem_comp.type
_chem_comp.name
_chem_comp.formula
ADP non-polymer ADENOSINE-5'-DIPHOSPHATE 'C10 H15 N5 O10 P2'
GOL non-polymer GLYCEROL 'C3 H8 O3'
MG non-polymer 'MAGNESIUM ION' 'Mg 2'
NA non-polymer 'SODIUM ION' 'Na 1'
PO4 non-polymer 'PHOSPHATE ION' 'O4 P -3'
#
# COMPACT_ATOMS: atom_id res chain seq x y z
N ASP A 9 -11.33 21.59 1.77
CA ASP A 9 -11.27 21.12 0.38
C ASP A 9 -12.35 21.80 -0.42
N ILE A 10 -12.21 21.74 -1.74
CA ILE A 10 -13.22 22.27 -2.63
C ILE A 10 -14.24 21.20 -2.99
N LEU A 11 -13.80 19.99 -3.21
CA LEU A 11 -14.74 18.92 -3.51
C LEU A 11 -14.91 18.00 -2.31
N SER A 12 -15.68 16.93 -2.53
CA SER A 12 -15.99 15.96 -1.50
C SER A 12 -16.34 14.66 -2.22
N VAL A 13 -16.10 13.53 -1.56
CA VAL A 13 -16.40 12.28 -2.23
C VAL A 13 -17.87 12.25 -2.60
N GLY A 14 -18.15 11.77 -3.82
CA GLY A 14 -19.47 11.64 -4.34
C GLY A 14 -19.84 12.68 -5.34
N ILE A 15 -19.16 13.80 -5.35
CA ILE A 15 -19.44 14.92 -6.26
CA ILE A 15 -19.66 14.80 -6.28
C ILE A 15 -19.18 14.46 -7.69
N LEU A 16 -19.97 14.95 -8.64
CA LEU A 16 -19.73 14.69 -10.05
C LEU A 16 -19.13 15.96 -10.66
N VAL A 17 -18.06 15.80 -11.40
CA VAL A 17 -17.44 16.92 -12.12
C VAL A 17 -17.78 16.77 -13.59
N LYS A 18 -18.28 17.87 -14.19
CA LYS A 18 -18.61 17.89 -15.62
C LYS A 18 -19.55 16.73 -16.01
N GLU A 19 -20.45 16.36 -15.09
CA GLU A 19 -21.41 15.27 -15.33
C GLU A 19 -20.73 13.97 -15.80
N ARG A 20 -19.47 13.77 -15.41
CA ARG A 20 -18.71 12.68 -16.00
C ARG A 20 -17.82 11.99 -14.97
N TRP A 21 -17.11 12.76 -14.15
CA TRP A 21 -16.17 12.14 -13.22
C TRP A 21 -16.74 12.18 -11.82
N LYS A 22 -17.02 10.99 -11.26
CA LYS A 22 -17.56 10.90 -9.90
C LYS A 22 -16.39 10.74 -8.94
N VAL A 23 -16.20 11.71 -8.06
CA VAL A 23 -15.12 11.66 -7.07
C VAL A 23 -15.35 10.50 -6.11
N LEU A 24 -14.39 9.57 -5.98
CA LEU A 24 -14.60 8.38 -5.13
C LEU A 24 -13.77 8.35 -3.86
N ARG A 25 -12.51 8.83 -3.92
CA ARG A 25 -11.63 8.66 -2.78
C ARG A 25 -10.50 9.67 -2.89
N LYS A 26 -10.20 10.35 -1.80
CA LYS A 26 -9.02 11.23 -1.82
C LYS A 26 -7.72 10.42 -1.77
N ILE A 27 -6.78 10.74 -2.65
CA ILE A 27 -5.53 10.00 -2.74
C ILE A 27 -4.31 10.89 -2.54
N GLY A 28 -4.52 12.15 -2.21
CA GLY A 28 -3.43 13.08 -2.09
C GLY A 28 -3.95 14.40 -1.57
N GLY A 29 -3.11 15.00 -0.73
CA GLY A 29 -3.45 16.16 0.06
C GLY A 29 -2.29 17.14 0.11
N GLY A 33 -2.95 20.78 -2.24
CA GLY A 33 -3.14 19.87 -3.36
C GLY A 33 -4.18 18.79 -3.08
N GLU A 34 -5.28 18.84 -3.81
CA GLU A 34 -6.44 17.99 -3.60
C GLU A 34 -6.54 17.08 -4.82
N ILE A 35 -6.33 15.76 -4.63
CA ILE A 35 -6.36 14.82 -5.75
C ILE A 35 -7.17 13.59 -5.37
N TYR A 36 -7.97 13.14 -6.29
CA TYR A 36 -8.92 12.06 -6.06
C TYR A 36 -8.76 10.95 -7.05
N ASP A 37 -9.10 9.73 -6.61
CA ASP A 37 -9.49 8.66 -7.53
C ASP A 37 -10.96 8.91 -7.88
N ALA A 38 -11.24 9.05 -9.17
CA ALA A 38 -12.60 9.32 -9.63
C ALA A 38 -13.02 8.29 -10.67
N LEU A 39 -14.30 8.02 -10.74
CA LEU A 39 -14.85 7.16 -11.77
C LEU A 39 -15.13 7.99 -13.02
N ASP A 40 -14.51 7.64 -14.14
CA ASP A 40 -14.84 8.24 -15.43
C ASP A 40 -16.01 7.48 -16.02
N MET A 41 -17.20 8.12 -16.03
CA MET A 41 -18.42 7.40 -16.47
C MET A 41 -18.39 7.11 -17.95
N LEU A 42 -17.56 7.83 -18.69
CA LEU A 42 -17.55 7.63 -20.13
C LEU A 42 -16.81 6.35 -20.47
N THR A 43 -15.71 6.08 -19.79
CA THR A 43 -14.87 4.92 -20.10
C THR A 43 -15.01 3.79 -19.08
N ARG A 44 -15.73 4.02 -17.99
CA ARG A 44 -15.84 3.06 -16.87
C ARG A 44 -14.46 2.65 -16.36
N GLU A 45 -13.66 3.64 -16.04
CA GLU A 45 -12.31 3.44 -15.54
C GLU A 45 -12.08 4.38 -14.37
N ASN A 46 -11.21 3.98 -13.46
CA ASN A 46 -10.76 4.89 -12.42
C ASN A 46 -9.66 5.79 -12.98
N VAL A 47 -9.77 7.08 -12.68
CA VAL A 47 -8.83 8.09 -13.16
C VAL A 47 -8.37 8.93 -11.97
N ALA A 48 -7.32 9.76 -12.18
CA ALA A 48 -6.89 10.71 -11.14
C ALA A 48 -7.40 12.08 -11.53
N LEU A 49 -8.04 12.76 -10.59
CA LEU A 49 -8.58 14.10 -10.79
C LEU A 49 -7.96 15.04 -9.77
N LYS A 50 -7.28 16.09 -10.24
CA LYS A 50 -6.61 17.02 -9.36
C LYS A 50 -7.35 18.33 -9.47
N VAL A 51 -7.59 18.98 -8.36
CA VAL A 51 -8.39 20.20 -8.34
C VAL A 51 -7.72 21.26 -7.47
N GLU A 52 -7.98 22.52 -7.80
CA GLU A 52 -7.52 23.62 -6.96
C GLU A 52 -8.57 24.71 -6.94
N SER A 53 -8.61 25.43 -5.82
CA SER A 53 -9.57 26.50 -5.72
C SER A 53 -9.22 27.61 -6.68
N ALA A 54 -10.26 28.16 -7.31
CA ALA A 54 -10.03 29.36 -8.10
C ALA A 54 -9.67 30.55 -7.23
N GLN A 55 -9.72 30.40 -5.89
CA GLN A 55 -9.31 31.44 -4.96
C GLN A 55 -7.95 31.22 -4.33
N GLN A 56 -7.30 30.08 -4.57
CA GLN A 56 -5.95 29.86 -4.03
C GLN A 56 -4.99 30.89 -4.65
N PRO A 57 -4.19 31.61 -3.82
CA PRO A 57 -3.27 32.61 -4.39
C PRO A 57 -2.29 32.02 -5.39
N LYS A 58 -1.59 30.97 -4.99
CA LYS A 58 -0.67 30.29 -5.89
C LYS A 58 -1.50 29.32 -6.73
N GLN A 59 -1.89 29.73 -7.92
CA GLN A 59 -2.62 28.86 -8.84
C GLN A 59 -1.64 28.32 -9.86
N VAL A 60 -1.54 26.99 -9.93
CA VAL A 60 -0.53 26.31 -10.70
C VAL A 60 -1.10 25.25 -11.63
N LEU A 61 -2.41 25.01 -11.60
CA LEU A 61 -2.90 23.94 -12.45
C LEU A 61 -2.80 24.30 -13.93
N LYS A 62 -2.80 25.58 -14.25
CA LYS A 62 -2.58 26.01 -15.63
C LYS A 62 -1.25 25.48 -16.16
N MET A 63 -0.18 25.64 -15.37
CA MET A 63 1.12 25.06 -15.68
C MET A 63 1.06 23.56 -15.78
N GLU A 64 0.43 22.92 -14.80
CA GLU A 64 0.35 21.50 -14.79
C GLU A 64 -0.28 20.96 -16.09
N VAL A 65 -1.41 21.57 -16.51
CA VAL A 65 -2.05 21.09 -17.74
C VAL A 65 -1.14 21.34 -18.94
N ALA A 66 -0.53 22.53 -19.00
CA ALA A 66 0.30 22.81 -20.16
C ALA A 66 1.45 21.82 -20.28
N VAL A 67 2.10 21.47 -19.16
CA VAL A 67 3.24 20.57 -19.27
C VAL A 67 2.75 19.15 -19.57
N LEU A 68 1.68 18.71 -18.89
CA LEU A 68 1.15 17.41 -19.18
C LEU A 68 0.78 17.28 -20.66
N LYS A 69 0.13 18.31 -21.21
CA LYS A 69 -0.17 18.27 -22.65
C LYS A 69 1.10 18.23 -23.48
N LYS A 70 2.14 19.00 -23.13
CA LYS A 70 3.38 19.00 -23.92
C LYS A 70 4.09 17.66 -23.90
N LEU A 71 3.95 16.89 -22.84
CA LEU A 71 4.60 15.58 -22.72
C LEU A 71 3.79 14.43 -23.32
N GLN A 72 2.62 14.69 -23.86
CA GLN A 72 1.74 13.60 -24.26
C GLN A 72 2.40 12.73 -25.31
N GLY A 73 2.13 11.41 -25.17
CA GLY A 73 2.67 10.43 -26.03
C GLY A 73 4.00 9.88 -25.55
N LYS A 74 4.72 10.62 -24.71
CA LYS A 74 6.02 10.17 -24.28
C LYS A 74 5.93 9.16 -23.18
N ASP A 75 7.05 8.44 -22.99
CA ASP A 75 7.09 7.43 -21.94
C ASP A 75 7.16 8.11 -20.56
N HIS A 76 6.77 7.37 -19.53
CA HIS A 76 6.81 7.81 -18.12
C HIS A 76 5.88 8.98 -17.83
N VAL A 77 4.83 9.23 -18.63
CA VAL A 77 3.91 10.36 -18.42
C VAL A 77 2.50 9.83 -18.39
N CYS A 78 1.70 10.32 -17.45
CA CYS A 78 0.28 9.95 -17.44
C CYS A 78 -0.40 10.43 -18.70
N ARG A 79 -1.35 9.64 -19.17
CA ARG A 79 -2.22 10.11 -20.25
CA ARG A 79 -2.22 10.11 -20.26
C ARG A 79 -3.11 11.26 -19.78
N PHE A 80 -3.23 12.28 -20.60
CA PHE A 80 -4.09 13.42 -20.31
C PHE A 80 -5.50 13.04 -20.72
N ILE A 81 -6.47 13.27 -19.83
CA ILE A 81 -7.86 12.88 -20.05
C ILE A 81 -8.78 14.08 -20.23
N GLY A 82 -8.58 15.14 -19.46
CA GLY A 82 -9.44 16.33 -19.61
C GLY A 82 -9.02 17.39 -18.63
N CYS A 83 -9.65 18.55 -18.75
CA CYS A 83 -9.35 19.65 -17.82
C CYS A 83 -10.46 20.68 -17.95
N GLY A 84 -10.56 21.52 -16.92
CA GLY A 84 -11.55 22.59 -16.94
C GLY A 84 -11.26 23.68 -15.94
N ARG A 85 -11.96 24.79 -16.09
CA ARG A 85 -11.81 25.94 -15.19
C ARG A 85 -13.17 26.57 -14.98
N ASN A 86 -13.58 26.75 -13.73
CA ASN A 86 -14.85 27.42 -13.43
C ASN A 86 -14.57 28.44 -12.32
N ASP A 87 -15.65 29.08 -11.84
CA ASP A 87 -15.50 30.13 -10.85
C ASP A 87 -15.16 29.58 -9.48
N ARG A 88 -15.41 28.30 -9.24
CA ARG A 88 -15.03 27.70 -7.97
C ARG A 88 -13.67 26.99 -8.03
N PHE A 89 -13.36 26.30 -9.11
CA PHE A 89 -12.11 25.54 -9.11
C PHE A 89 -11.60 25.32 -10.53
N ASN A 90 -10.34 24.93 -10.62
CA ASN A 90 -9.73 24.42 -11.84
C ASN A 90 -9.48 22.94 -11.62
N TYR A 91 -9.54 22.14 -12.69
CA TYR A 91 -9.24 20.73 -12.51
C TYR A 91 -8.51 20.15 -13.72
N VAL A 92 -7.83 19.02 -13.48
CA VAL A 92 -7.21 18.26 -14.53
C VAL A 92 -7.45 16.79 -14.23
N VAL A 93 -7.69 16.02 -15.30
CA VAL A 93 -7.95 14.60 -15.20
C VAL A 93 -6.88 13.85 -15.99
N MET A 94 -6.32 12.79 -15.37
CA MET A 94 -5.23 12.07 -16.01
C MET A 94 -5.29 10.60 -15.61
N GLN A 95 -4.48 9.81 -16.32
CA GLN A 95 -4.32 8.39 -15.95
C GLN A 95 -3.96 8.19 -14.48
N LEU A 96 -4.69 7.27 -13.83
CA LEU A 96 -4.41 6.91 -12.46
C LEU A 96 -3.29 5.89 -12.39
N GLN A 97 -2.27 6.18 -11.57
CA GLN A 97 -1.18 5.23 -11.38
C GLN A 97 -1.30 4.55 -10.02
N GLY A 98 -0.26 3.79 -9.69
CA GLY A 98 -0.18 3.00 -8.44
C GLY A 98 0.57 3.72 -7.34
N ARG A 99 1.32 2.95 -6.55
N ARG A 99 1.29 2.95 -6.52
CA ARG A 99 1.98 3.52 -5.37
CA ARG A 99 1.95 3.53 -5.36
C ARG A 99 3.16 4.39 -5.75
C ARG A 99 3.11 4.43 -5.79
N ASN A 100 3.35 5.48 -5.00
CA ASN A 100 4.46 6.37 -5.26
C ASN A 100 5.71 5.81 -4.58
N LEU A 101 6.88 6.33 -5.02
CA LEU A 101 8.12 5.70 -4.59
C LEU A 101 8.47 6.00 -3.14
N ALA A 102 8.01 7.12 -2.59
CA ALA A 102 8.19 7.35 -1.16
C ALA A 102 7.44 6.29 -0.38
N ASP A 103 6.20 6.01 -0.77
CA ASP A 103 5.44 4.99 -0.06
C ASP A 103 6.04 3.61 -0.24
N LEU A 104 6.54 3.31 -1.44
CA LEU A 104 7.16 2.01 -1.64
C LEU A 104 8.43 1.86 -0.83
N ARG A 105 9.27 2.93 -0.76
CA ARG A 105 10.46 2.80 0.08
C ARG A 105 10.09 2.67 1.57
N ARG A 106 9.04 3.39 2.02
CA ARG A 106 8.67 3.32 3.44
C ARG A 106 8.03 1.98 3.79
N SER A 107 7.44 1.30 2.80
CA SER A 107 6.82 0.01 3.00
C SER A 107 7.85 -1.10 3.07
N GLN A 108 9.12 -0.77 2.86
CA GLN A 108 10.15 -1.77 2.99
C GLN A 108 10.60 -1.78 4.44
N SER A 109 10.76 -2.97 5.03
CA SER A 109 11.05 -3.02 6.47
C SER A 109 12.34 -2.25 6.85
N ARG A 110 13.32 -2.16 5.94
CA ARG A 110 14.58 -1.47 6.22
C ARG A 110 14.61 -0.03 5.71
N GLY A 111 13.58 0.40 5.00
CA GLY A 111 13.57 1.75 4.46
C GLY A 111 14.55 2.01 3.33
N THR A 112 14.97 0.97 2.62
CA THR A 112 15.95 1.08 1.55
C THR A 112 15.48 0.23 0.38
N PHE A 113 15.95 0.59 -0.81
CA PHE A 113 15.88 -0.31 -1.96
C PHE A 113 17.25 -0.92 -2.23
N THR A 114 17.21 -2.13 -2.82
CA THR A 114 18.43 -2.77 -3.29
C THR A 114 19.01 -1.95 -4.43
N ILE A 115 20.29 -2.21 -4.72
CA ILE A 115 20.91 -1.51 -5.85
C ILE A 115 20.22 -1.88 -7.16
N SER A 116 19.71 -3.11 -7.28
CA SER A 116 19.03 -3.52 -8.48
C SER A 116 17.77 -2.69 -8.71
N THR A 117 16.92 -2.51 -7.68
CA THR A 117 15.72 -1.69 -7.84
C THR A 117 16.13 -0.21 -8.03
N THR A 118 17.15 0.24 -7.30
CA THR A 118 17.59 1.64 -7.37
C THR A 118 18.08 2.01 -8.76
N LEU A 119 18.90 1.15 -9.39
CA LEU A 119 19.45 1.47 -10.70
C LEU A 119 18.35 1.51 -11.74
N ARG A 120 17.42 0.54 -11.66
CA ARG A 120 16.35 0.51 -12.68
C ARG A 120 15.44 1.70 -12.53
N LEU A 121 15.04 2.03 -11.29
CA LEU A 121 14.22 3.22 -11.05
C LEU A 121 14.96 4.47 -11.48
N GLY A 122 16.24 4.59 -11.10
CA GLY A 122 17.02 5.78 -11.43
C GLY A 122 17.10 5.99 -12.93
N ARG A 123 17.33 4.90 -13.68
CA ARG A 123 17.40 5.02 -15.14
C ARG A 123 16.07 5.49 -15.71
N GLN A 124 14.94 4.97 -15.20
CA GLN A 124 13.65 5.44 -15.69
C GLN A 124 13.42 6.90 -15.34
N ILE A 125 13.83 7.31 -14.12
CA ILE A 125 13.63 8.70 -13.71
C ILE A 125 14.49 9.60 -14.56
N LEU A 126 15.73 9.20 -14.82
CA LEU A 126 16.59 10.01 -15.71
C LEU A 126 15.93 10.19 -17.09
N GLU A 127 15.35 9.12 -17.65
CA GLU A 127 14.66 9.23 -18.94
C GLU A 127 13.56 10.28 -18.85
N SER A 128 12.78 10.25 -17.76
CA SER A 128 11.67 11.21 -17.61
C SER A 128 12.19 12.63 -17.47
N ILE A 129 13.32 12.82 -16.78
CA ILE A 129 13.86 14.17 -16.64
C ILE A 129 14.36 14.66 -17.98
N GLU A 130 15.07 13.80 -18.77
CA GLU A 130 15.50 14.25 -20.09
C GLU A 130 14.27 14.61 -20.94
N SER A 131 13.15 13.88 -20.75
CA SER A 131 11.98 14.19 -21.57
C SER A 131 11.35 15.53 -21.23
N ILE A 132 11.19 15.82 -19.92
CA ILE A 132 10.60 17.12 -19.61
C ILE A 132 11.55 18.25 -20.04
N HIS A 133 12.87 18.08 -19.87
CA HIS A 133 13.76 19.16 -20.37
C HIS A 133 13.66 19.33 -21.87
N SER A 134 13.42 18.23 -22.60
CA SER A 134 13.40 18.30 -24.06
C SER A 134 12.20 19.07 -24.59
N VAL A 135 11.17 19.25 -23.76
CA VAL A 135 10.02 20.07 -24.15
C VAL A 135 10.07 21.45 -23.52
N GLY A 136 11.24 21.81 -22.92
CA GLY A 136 11.50 23.17 -22.51
C GLY A 136 11.19 23.48 -21.06
N PHE A 137 10.93 22.49 -20.22
CA PHE A 137 10.51 22.75 -18.87
C PHE A 137 11.45 22.07 -17.87
N LEU A 138 11.63 22.77 -16.75
CA LEU A 138 12.24 22.17 -15.57
C LEU A 138 11.14 21.66 -14.66
N HIS A 139 11.39 20.53 -14.00
CA HIS A 139 10.40 20.03 -13.06
C HIS A 139 10.42 20.80 -11.75
N ARG A 140 11.61 20.95 -11.19
CA ARG A 140 11.93 21.72 -9.99
C ARG A 140 11.47 21.07 -8.68
N ASP A 141 10.76 19.94 -8.72
CA ASP A 141 10.43 19.28 -7.46
C ASP A 141 10.57 17.77 -7.60
N ILE A 142 11.74 17.34 -8.10
CA ILE A 142 12.06 15.93 -8.25
C ILE A 142 12.23 15.35 -6.84
N LYS A 143 11.38 14.37 -6.49
CA LYS A 143 11.41 13.74 -5.18
C LYS A 143 10.58 12.47 -5.28
N PRO A 144 10.75 11.54 -4.35
CA PRO A 144 10.15 10.21 -4.55
C PRO A 144 8.62 10.20 -4.61
N SER A 145 7.96 11.12 -3.88
CA SER A 145 6.48 11.09 -3.95
C SER A 145 5.97 11.62 -5.27
N ASN A 146 6.83 12.20 -6.11
CA ASN A 146 6.39 12.66 -7.45
C ASN A 146 6.70 11.64 -8.53
N PHE A 147 6.87 10.37 -8.15
CA PHE A 147 7.03 9.27 -9.11
C PHE A 147 6.20 8.11 -8.61
N ALA A 148 5.55 7.41 -9.52
CA ALA A 148 4.71 6.29 -9.11
C ALA A 148 4.78 5.18 -10.14
N MET A 149 4.67 3.93 -9.69
CA MET A 149 4.61 2.81 -10.63
C MET A 149 3.20 2.64 -11.14
N GLY A 150 3.06 2.05 -12.33
CA GLY A 150 1.73 1.71 -12.84
C GLY A 150 0.96 0.77 -11.93
N ARG A 151 -0.35 0.66 -12.18
CA ARG A 151 -1.23 -0.13 -11.33
CA ARG A 151 -1.21 -0.15 -11.33
C ARG A 151 -1.76 -1.40 -11.99
N PHE A 152 -1.35 -1.71 -13.22
CA PHE A 152 -1.83 -2.89 -13.94
C PHE A 152 -0.66 -3.74 -14.37
N PRO A 153 -0.90 -5.00 -14.71
CA PRO A 153 0.26 -5.84 -15.07
C PRO A 153 1.09 -5.25 -16.20
N SER A 154 0.45 -4.59 -17.18
CA SER A 154 1.19 -4.02 -18.28
C SER A 154 1.86 -2.69 -18.00
N THR A 155 1.60 -2.07 -16.84
CA THR A 155 2.21 -0.80 -16.50
C THR A 155 2.97 -0.82 -15.18
N CYS A 156 2.88 -1.90 -14.41
CA CYS A 156 3.37 -1.80 -13.03
C CYS A 156 4.89 -1.87 -12.95
N ARG A 157 5.56 -2.17 -14.07
CA ARG A 157 7.02 -2.12 -14.10
C ARG A 157 7.52 -0.81 -14.69
N LYS A 158 6.60 0.11 -14.95
CA LYS A 158 6.92 1.43 -15.49
C LYS A 158 6.73 2.47 -14.40
N CYS A 159 7.73 3.36 -14.29
CA CYS A 159 7.70 4.47 -13.35
C CYS A 159 7.26 5.73 -14.10
N TYR A 160 6.31 6.45 -13.51
CA TYR A 160 5.70 7.63 -14.13
C TYR A 160 6.09 8.86 -13.31
N MET A 161 6.45 9.92 -14.02
CA MET A 161 6.72 11.24 -13.44
C MET A 161 5.41 11.97 -13.19
N LEU A 162 5.25 12.56 -11.98
CA LEU A 162 4.03 13.25 -11.61
C LEU A 162 4.34 14.69 -11.26
N ASP A 163 3.30 15.51 -11.21
CA ASP A 163 3.23 16.77 -10.47
C ASP A 163 4.04 17.87 -11.12
N PHE A 164 3.44 18.51 -12.11
CA PHE A 164 4.13 19.54 -12.86
C PHE A 164 3.79 20.93 -12.38
N GLY A 165 3.17 21.04 -11.21
CA GLY A 165 2.69 22.35 -10.77
C GLY A 165 3.80 23.35 -10.52
N LEU A 166 4.98 22.87 -10.12
CA LEU A 166 6.07 23.79 -9.81
C LEU A 166 7.02 23.96 -10.98
N ALA A 167 6.65 23.48 -12.16
CA ALA A 167 7.55 23.52 -13.32
C ALA A 167 7.73 24.96 -13.79
N ARG A 168 8.85 25.18 -14.47
CA ARG A 168 9.09 26.46 -15.13
C ARG A 168 9.68 26.24 -16.50
N GLN A 169 9.22 27.04 -17.47
CA GLN A 169 9.79 26.97 -18.81
C GLN A 169 11.19 27.60 -18.78
N PHE A 170 12.22 26.88 -19.24
CA PHE A 170 13.53 27.50 -19.25
C PHE A 170 13.96 27.96 -20.63
N THR A 171 13.16 27.67 -21.67
CA THR A 171 13.39 28.15 -23.02
C THR A 171 12.51 29.35 -23.33
N ASN A 172 12.86 30.08 -24.40
CA ASN A 172 12.05 31.15 -24.98
C ASN A 172 10.96 30.59 -25.89
N SER A 173 10.20 31.52 -26.48
CA SER A 173 9.31 31.16 -27.58
C SER A 173 10.09 30.66 -28.79
N CYS A 174 11.37 31.03 -28.92
CA CYS A 174 12.22 30.56 -30.00
C CYS A 174 12.84 29.20 -29.70
N GLY A 175 12.90 28.80 -28.43
CA GLY A 175 13.55 27.57 -28.04
C GLY A 175 14.93 27.74 -27.43
N ASP A 176 15.47 28.98 -27.41
CA ASP A 176 16.77 29.21 -26.78
C ASP A 176 16.60 29.32 -25.25
N VAL A 177 17.71 29.16 -24.53
CA VAL A 177 17.70 29.19 -23.07
C VAL A 177 17.43 30.63 -22.61
N ARG A 178 16.45 30.81 -21.69
CA ARG A 178 16.08 32.17 -21.30
C ARG A 178 17.09 32.72 -20.31
N PRO A 179 17.35 34.01 -20.36
CA PRO A 179 18.25 34.64 -19.37
C PRO A 179 17.74 34.40 -17.97
N PRO A 180 18.58 33.93 -17.04
CA PRO A 180 18.10 33.70 -15.68
C PRO A 180 17.82 35.00 -14.93
N ARG A 181 16.83 34.92 -14.02
CA ARG A 181 16.60 36.02 -13.09
C ARG A 181 17.71 36.11 -12.07
N ALA A 182 17.89 37.32 -11.54
CA ALA A 182 18.91 37.52 -10.50
C ALA A 182 18.55 36.77 -9.23
N VAL A 183 17.26 36.70 -8.91
CA VAL A 183 16.75 36.06 -7.70
C VAL A 183 15.54 35.26 -8.08
N ALA A 184 15.46 34.02 -7.61
CA ALA A 184 14.30 33.19 -7.89
C ALA A 184 13.83 32.57 -6.57
N GLY A 185 12.53 32.68 -6.30
CA GLY A 185 11.98 32.05 -5.11
C GLY A 185 12.22 30.55 -5.14
N PHE A 186 12.54 30.00 -3.96
CA PHE A 186 12.71 28.57 -3.78
C PHE A 186 11.33 27.92 -3.75
N ARG A 187 11.06 26.98 -4.65
CA ARG A 187 9.71 26.42 -4.68
C ARG A 187 9.62 24.98 -4.16
N GLY A 188 10.69 24.19 -4.31
CA GLY A 188 10.62 22.74 -4.15
C GLY A 188 10.75 22.25 -2.73
N THR A 189 11.37 21.08 -2.57
CA THR A 189 11.41 20.42 -1.27
C THR A 189 12.81 20.52 -0.70
N VAL A 190 12.89 20.98 0.56
CA VAL A 190 14.21 21.25 1.13
C VAL A 190 15.10 20.01 1.07
N ARG A 191 14.55 18.82 1.38
CA ARG A 191 15.42 17.65 1.48
C ARG A 191 16.16 17.36 0.18
N TYR A 192 15.51 17.56 -0.99
CA TYR A 192 16.11 17.16 -2.26
C TYR A 192 16.62 18.32 -3.09
N ALA A 193 16.64 19.53 -2.51
CA ALA A 193 16.94 20.75 -3.27
C ALA A 193 18.42 20.86 -3.53
N SER A 194 18.76 21.40 -4.70
CA SER A 194 20.16 21.58 -4.99
C SER A 194 20.68 22.85 -4.31
N ILE A 195 21.99 22.98 -4.32
CA ILE A 195 22.63 24.20 -3.76
C ILE A 195 22.07 25.46 -4.45
N ASN A 196 21.96 25.43 -5.77
CA ASN A 196 21.36 26.54 -6.52
C ASN A 196 20.00 26.95 -5.96
N ALA A 197 19.10 25.98 -5.77
CA ALA A 197 17.81 26.30 -5.18
C ALA A 197 17.95 26.96 -3.82
N HIS A 198 18.85 26.45 -2.98
CA HIS A 198 19.02 27.03 -1.67
C HIS A 198 19.49 28.48 -1.76
N ARG A 199 20.30 28.79 -2.76
CA ARG A 199 20.82 30.14 -2.95
C ARG A 199 19.82 31.09 -3.60
N ASN A 200 18.60 30.63 -3.89
CA ASN A 200 17.59 31.47 -4.53
C ASN A 200 18.09 31.99 -5.87
N ARG A 201 18.83 31.14 -6.56
CA ARG A 201 19.31 31.35 -7.90
C ARG A 201 18.39 30.66 -8.89
N GLU A 202 18.41 31.14 -10.13
CA GLU A 202 17.57 30.50 -11.14
C GLU A 202 17.95 29.05 -11.30
N MET A 203 16.97 28.15 -11.19
N MET A 203 16.96 28.16 -11.21
CA MET A 203 17.31 26.75 -11.34
CA MET A 203 17.21 26.74 -11.38
C MET A 203 17.48 26.38 -12.82
C MET A 203 17.48 26.39 -12.85
N GLY A 204 18.33 25.39 -13.05
CA GLY A 204 18.56 24.90 -14.41
C GLY A 204 18.34 23.40 -14.51
N ARG A 205 18.66 22.85 -15.69
CA ARG A 205 18.44 21.42 -15.91
C ARG A 205 19.27 20.59 -14.94
N HIS A 206 20.47 21.07 -14.63
CA HIS A 206 21.34 20.30 -13.72
C HIS A 206 20.74 20.23 -12.31
N ASP A 207 19.88 21.19 -11.93
CA ASP A 207 19.31 21.12 -10.59
C ASP A 207 18.31 20.00 -10.45
N ASP A 208 17.58 19.69 -11.52
CA ASP A 208 16.74 18.49 -11.43
C ASP A 208 17.60 17.24 -11.29
N LEU A 209 18.77 17.22 -11.93
CA LEU A 209 19.66 16.07 -11.85
C LEU A 209 20.29 15.96 -10.46
N TRP A 210 20.61 17.08 -9.80
CA TRP A 210 21.06 17.00 -8.40
C TRP A 210 19.98 16.38 -7.53
N SER A 211 18.72 16.73 -7.75
CA SER A 211 17.66 16.13 -6.94
C SER A 211 17.56 14.65 -7.20
N LEU A 212 17.75 14.21 -8.47
CA LEU A 212 17.79 12.79 -8.77
C LEU A 212 18.93 12.13 -8.01
N PHE A 213 20.12 12.76 -8.01
CA PHE A 213 21.25 12.15 -7.29
C PHE A 213 20.92 11.95 -5.82
N TYR A 214 20.35 12.96 -5.18
CA TYR A 214 19.97 12.82 -3.77
C TYR A 214 18.95 11.70 -3.60
N MET A 215 17.96 11.62 -4.47
CA MET A 215 16.98 10.53 -4.39
C MET A 215 17.65 9.16 -4.47
N LEU A 216 18.61 8.98 -5.37
CA LEU A 216 19.23 7.68 -5.54
C LEU A 216 20.03 7.32 -4.29
N VAL A 217 20.75 8.31 -3.72
CA VAL A 217 21.48 8.04 -2.48
C VAL A 217 20.52 7.66 -1.35
N GLU A 218 19.41 8.38 -1.22
CA GLU A 218 18.46 8.06 -0.17
C GLU A 218 17.82 6.69 -0.39
N PHE A 219 17.63 6.30 -1.65
CA PHE A 219 17.09 4.96 -1.91
C PHE A 219 18.01 3.88 -1.34
N VAL A 220 19.33 4.01 -1.59
CA VAL A 220 20.21 2.89 -1.21
C VAL A 220 20.63 2.97 0.25
N VAL A 221 20.83 4.16 0.78
CA VAL A 221 21.26 4.34 2.16
C VAL A 221 20.08 4.36 3.12
N GLY A 222 18.95 4.92 2.69
CA GLY A 222 17.78 5.04 3.50
C GLY A 222 17.59 6.38 4.11
N GLN A 223 18.61 7.24 4.06
CA GLN A 223 18.45 8.60 4.57
C GLN A 223 19.49 9.46 3.89
N LEU A 224 19.28 10.78 3.98
CA LEU A 224 20.26 11.76 3.57
C LEU A 224 20.92 12.43 4.78
N PRO A 225 22.12 13.03 4.60
CA PRO A 225 22.85 13.50 5.80
C PRO A 225 22.08 14.54 6.59
N TRP A 226 21.25 15.34 5.91
CA TRP A 226 20.48 16.42 6.51
C TRP A 226 19.03 16.02 6.82
N ARG A 227 18.77 14.72 6.94
CA ARG A 227 17.42 14.20 7.23
C ARG A 227 16.77 14.92 8.42
N LYS A 228 17.50 15.08 9.54
CA LYS A 228 16.89 15.59 10.76
C LYS A 228 16.88 17.11 10.85
N ILE A 229 17.43 17.81 9.86
CA ILE A 229 17.63 19.25 9.94
C ILE A 229 16.42 19.89 9.28
N LYS A 230 15.77 20.79 9.99
CA LYS A 230 14.55 21.37 9.46
C LYS A 230 14.70 22.80 9.00
N ASP A 231 15.69 23.54 9.49
CA ASP A 231 15.90 24.89 9.02
C ASP A 231 16.45 24.85 7.59
N LYS A 232 15.73 25.47 6.65
CA LYS A 232 16.16 25.43 5.25
C LYS A 232 17.58 26.00 5.07
N GLU A 233 17.92 27.08 5.78
CA GLU A 233 19.25 27.66 5.65
C GLU A 233 20.33 26.75 6.22
N GLN A 234 20.04 26.08 7.32
CA GLN A 234 20.99 25.10 7.86
C GLN A 234 21.26 23.97 6.85
N VAL A 235 20.20 23.44 6.23
CA VAL A 235 20.36 22.41 5.22
C VAL A 235 21.24 22.92 4.08
N GLY A 236 20.96 24.14 3.60
CA GLY A 236 21.75 24.67 2.51
C GLY A 236 23.21 24.85 2.88
N SER A 237 23.46 25.31 4.10
CA SER A 237 24.83 25.44 4.57
C SER A 237 25.55 24.09 4.55
N ILE A 238 24.86 23.03 5.00
CA ILE A 238 25.45 21.68 4.99
C ILE A 238 25.76 21.26 3.57
N LYS A 239 24.80 21.45 2.66
CA LYS A 239 25.01 21.04 1.28
C LYS A 239 26.17 21.80 0.65
N GLU A 240 26.28 23.09 0.94
CA GLU A 240 27.33 23.88 0.31
C GLU A 240 28.72 23.40 0.70
N ARG A 241 28.88 22.88 1.93
CA ARG A 241 30.18 22.42 2.42
C ARG A 241 30.36 20.92 2.29
N TYR A 242 29.31 20.20 1.95
CA TYR A 242 29.39 18.75 1.99
C TYR A 242 30.27 18.21 0.88
N ASP A 243 31.07 17.20 1.24
CA ASP A 243 31.86 16.50 0.24
C ASP A 243 30.99 15.42 -0.38
N HIS A 244 30.40 15.71 -1.55
CA HIS A 244 29.43 14.74 -2.09
C HIS A 244 30.07 13.43 -2.53
N ARG A 245 31.39 13.37 -2.66
CA ARG A 245 32.04 12.09 -2.89
C ARG A 245 31.74 11.06 -1.80
N LEU A 246 31.39 11.51 -0.59
CA LEU A 246 31.06 10.54 0.47
C LEU A 246 29.83 9.72 0.11
N MET A 247 28.96 10.28 -0.73
CA MET A 247 27.76 9.55 -1.15
C MET A 247 28.04 8.48 -2.16
N LEU A 248 29.24 8.40 -2.70
CA LEU A 248 29.55 7.40 -3.70
C LEU A 248 29.79 6.04 -3.09
N LYS A 249 30.06 6.03 -1.78
CA LYS A 249 30.40 4.80 -1.05
C LYS A 249 29.41 3.69 -1.31
N HIS A 250 28.12 4.01 -1.39
CA HIS A 250 27.15 2.94 -1.55
C HIS A 250 26.55 2.89 -2.95
N LEU A 251 27.15 3.52 -3.91
CA LEU A 251 26.69 3.42 -5.28
C LEU A 251 27.73 2.72 -6.13
N PRO A 252 27.33 2.13 -7.26
CA PRO A 252 28.29 1.48 -8.14
C PRO A 252 29.37 2.45 -8.57
N PRO A 253 30.55 1.96 -8.93
CA PRO A 253 31.69 2.86 -9.16
C PRO A 253 31.47 3.95 -10.19
N GLU A 254 30.71 3.67 -11.26
CA GLU A 254 30.59 4.68 -12.29
C GLU A 254 29.80 5.88 -11.82
N PHE A 255 29.14 5.83 -10.66
CA PHE A 255 28.51 7.07 -10.21
C PHE A 255 29.52 8.17 -9.84
N SER A 256 30.81 7.87 -9.76
CA SER A 256 31.75 9.00 -9.66
C SER A 256 31.69 9.85 -10.93
N ILE A 257 31.49 9.20 -12.08
CA ILE A 257 31.36 9.92 -13.35
C ILE A 257 30.09 10.77 -13.34
N PHE A 258 28.99 10.20 -12.87
CA PHE A 258 27.72 10.93 -12.75
C PHE A 258 27.89 12.19 -11.88
N LEU A 259 28.47 12.02 -10.69
CA LEU A 259 28.67 13.15 -9.77
C LEU A 259 29.63 14.19 -10.33
N ASP A 260 30.74 13.74 -10.93
CA ASP A 260 31.67 14.71 -11.53
C ASP A 260 30.98 15.51 -12.61
N HIS A 261 30.15 14.83 -13.41
CA HIS A 261 29.49 15.53 -14.50
C HIS A 261 28.50 16.57 -13.97
N ILE A 262 27.60 16.18 -13.08
CA ILE A 262 26.62 17.19 -12.65
C ILE A 262 27.26 18.30 -11.84
N SER A 263 28.35 18.02 -11.13
CA SER A 263 29.07 19.08 -10.43
C SER A 263 29.62 20.12 -11.38
N SER A 264 29.98 19.71 -12.59
CA SER A 264 30.60 20.63 -13.54
C SER A 264 29.56 21.52 -14.18
N LEU A 265 28.29 21.18 -14.05
CA LEU A 265 27.27 21.91 -14.80
C LEU A 265 26.89 23.22 -14.11
N ASP A 266 26.19 24.06 -14.86
CA ASP A 266 25.63 25.32 -14.36
C ASP A 266 24.38 25.58 -15.24
N TYR A 267 23.74 26.75 -14.97
CA TYR A 267 22.45 27.03 -15.61
C TYR A 267 22.57 26.98 -17.12
N PHE A 268 23.72 27.42 -17.65
CA PHE A 268 23.93 27.65 -19.06
C PHE A 268 24.55 26.47 -19.79
N THR A 269 24.64 25.29 -19.15
CA THR A 269 25.28 24.13 -19.77
C THR A 269 24.26 23.02 -19.87
N LYS A 270 23.99 22.57 -21.08
CA LYS A 270 23.11 21.39 -21.25
C LYS A 270 23.79 20.15 -20.69
N PRO A 271 23.07 19.32 -19.93
CA PRO A 271 23.68 18.11 -19.42
C PRO A 271 23.99 17.16 -20.56
N ASP A 272 25.03 16.34 -20.32
CA ASP A 272 25.35 15.25 -21.23
C ASP A 272 24.49 14.06 -20.78
N TYR A 273 23.23 14.05 -21.24
CA TYR A 273 22.31 12.98 -20.84
C TYR A 273 22.80 11.61 -21.29
N GLN A 274 23.47 11.53 -22.46
CA GLN A 274 24.00 10.23 -22.91
C GLN A 274 25.04 9.70 -21.92
N LEU A 275 25.93 10.58 -21.44
CA LEU A 275 26.91 10.14 -20.45
C LEU A 275 26.21 9.64 -19.17
N LEU A 276 25.25 10.40 -18.67
CA LEU A 276 24.58 10.00 -17.44
C LEU A 276 23.84 8.70 -17.66
N THR A 277 23.20 8.53 -18.83
CA THR A 277 22.54 7.25 -19.15
C THR A 277 23.54 6.10 -19.12
N SER A 278 24.74 6.33 -19.69
CA SER A 278 25.75 5.27 -19.75
C SER A 278 26.13 4.84 -18.35
N VAL A 279 26.12 5.77 -17.37
CA VAL A 279 26.43 5.35 -15.99
C VAL A 279 25.45 4.28 -15.52
N PHE A 280 24.16 4.50 -15.76
CA PHE A 280 23.16 3.49 -15.38
C PHE A 280 23.32 2.24 -16.23
N ASP A 281 23.43 2.38 -17.55
CA ASP A 281 23.49 1.20 -18.40
C ASP A 281 24.68 0.32 -18.02
N ASN A 282 25.84 0.95 -17.82
CA ASN A 282 27.04 0.18 -17.51
C ASN A 282 26.92 -0.48 -16.14
N SER A 283 26.41 0.26 -15.14
CA SER A 283 26.25 -0.33 -13.80
C SER A 283 25.29 -1.49 -13.81
N ILE A 284 24.16 -1.34 -14.51
CA ILE A 284 23.17 -2.41 -14.60
C ILE A 284 23.80 -3.65 -15.21
N LYS A 285 24.59 -3.47 -16.27
CA LYS A 285 25.23 -4.62 -16.91
C LYS A 285 26.28 -5.26 -16.00
N THR A 286 27.07 -4.44 -15.30
CA THR A 286 28.12 -4.99 -14.42
C THR A 286 27.53 -5.79 -13.28
N PHE A 287 26.43 -5.31 -12.72
CA PHE A 287 25.73 -6.02 -11.66
C PHE A 287 24.83 -7.13 -12.18
N GLY A 288 24.76 -7.35 -13.50
CA GLY A 288 23.92 -8.44 -13.99
C GLY A 288 22.43 -8.23 -13.79
N VAL A 289 22.01 -7.00 -13.65
CA VAL A 289 20.61 -6.68 -13.43
C VAL A 289 19.86 -6.79 -14.76
N ILE A 290 18.67 -7.44 -14.74
CA ILE A 290 17.81 -7.48 -15.92
C ILE A 290 16.43 -6.92 -15.57
N GLU A 291 15.73 -6.42 -16.59
CA GLU A 291 14.49 -5.69 -16.36
C GLU A 291 13.46 -6.54 -15.61
N SER A 292 13.44 -7.85 -15.87
CA SER A 292 12.40 -8.71 -15.33
C SER A 292 12.70 -9.17 -13.91
N ASP A 293 13.85 -8.81 -13.36
CA ASP A 293 14.14 -9.19 -11.98
C ASP A 293 13.08 -8.57 -11.08
N PRO A 294 12.63 -9.27 -10.04
CA PRO A 294 11.61 -8.68 -9.17
C PRO A 294 12.12 -7.37 -8.56
N PHE A 295 11.27 -6.36 -8.56
CA PHE A 295 11.53 -5.19 -7.74
C PHE A 295 11.39 -5.55 -6.26
N ASP A 296 11.92 -4.69 -5.39
CA ASP A 296 11.94 -5.06 -3.97
C ASP A 296 10.56 -5.30 -3.40
N TRP A 297 9.56 -4.55 -3.85
CA TRP A 297 8.22 -4.68 -3.32
C TRP A 297 7.46 -5.87 -3.87
N GLU A 298 8.06 -6.63 -4.78
CA GLU A 298 7.45 -7.85 -5.25
C GLU A 298 7.94 -9.00 -4.39
N ASP B 9 -5.44 -16.74 -15.18
CA ASP B 9 -6.40 -16.01 -14.34
C ASP B 9 -7.78 -16.66 -14.53
N ILE B 10 -8.64 -16.61 -13.51
CA ILE B 10 -9.97 -17.21 -13.64
C ILE B 10 -10.87 -16.38 -14.57
N LEU B 11 -10.86 -15.06 -14.39
CA LEU B 11 -11.60 -14.09 -15.17
C LEU B 11 -10.59 -13.34 -16.03
N SER B 12 -11.03 -12.84 -17.20
CA SER B 12 -10.21 -11.89 -17.93
C SER B 12 -10.54 -10.48 -17.47
N VAL B 13 -9.51 -9.70 -17.15
CA VAL B 13 -9.78 -8.32 -16.80
C VAL B 13 -10.49 -7.62 -17.95
N GLY B 14 -11.53 -6.81 -17.62
CA GLY B 14 -12.37 -6.12 -18.58
C GLY B 14 -13.77 -6.73 -18.73
N ILE B 15 -13.95 -7.97 -18.35
CA ILE B 15 -15.28 -8.60 -18.49
CA ILE B 15 -15.29 -8.54 -18.53
C ILE B 15 -16.25 -7.94 -17.52
N LEU B 16 -17.54 -8.05 -17.85
CA LEU B 16 -18.63 -7.58 -17.01
C LEU B 16 -19.34 -8.81 -16.43
N VAL B 17 -19.49 -8.87 -15.12
CA VAL B 17 -20.18 -9.96 -14.44
C VAL B 17 -21.60 -9.49 -14.17
N LYS B 18 -22.59 -10.29 -14.61
CA LYS B 18 -24.02 -9.96 -14.42
C LYS B 18 -24.40 -8.58 -14.91
N GLU B 19 -23.80 -8.15 -16.02
CA GLU B 19 -24.05 -6.83 -16.61
C GLU B 19 -23.87 -5.72 -15.59
N ARG B 20 -23.03 -5.93 -14.56
CA ARG B 20 -22.98 -4.97 -13.48
C ARG B 20 -21.56 -4.72 -12.97
N TRP B 21 -20.77 -5.79 -12.72
CA TRP B 21 -19.46 -5.60 -12.11
C TRP B 21 -18.35 -5.76 -13.15
N LYS B 22 -17.67 -4.64 -13.46
CA LYS B 22 -16.62 -4.67 -14.46
C LYS B 22 -15.29 -5.01 -13.79
N VAL B 23 -14.66 -6.11 -14.20
CA VAL B 23 -13.43 -6.56 -13.55
C VAL B 23 -12.27 -5.67 -13.96
N LEU B 24 -11.56 -5.09 -12.98
CA LEU B 24 -10.50 -4.14 -13.28
C LEU B 24 -9.10 -4.66 -13.06
N ARG B 25 -8.85 -5.29 -11.91
CA ARG B 25 -7.50 -5.78 -11.67
C ARG B 25 -7.56 -6.79 -10.54
N LYS B 26 -6.63 -7.73 -10.61
CA LYS B 26 -6.50 -8.72 -9.56
C LYS B 26 -5.84 -8.07 -8.32
N ILE B 27 -6.39 -8.34 -7.13
CA ILE B 27 -5.85 -7.82 -5.87
C ILE B 27 -5.50 -8.91 -4.88
N GLY B 28 -5.84 -10.16 -5.13
CA GLY B 28 -5.49 -11.22 -4.21
C GLY B 28 -5.72 -12.58 -4.83
N GLY B 29 -5.26 -13.60 -4.10
CA GLY B 29 -5.57 -14.97 -4.47
C GLY B 29 -4.35 -15.74 -4.94
N GLY B 33 -8.62 -19.78 -6.50
CA GLY B 33 -9.51 -18.66 -6.22
C GLY B 33 -8.79 -17.33 -6.25
N GLU B 34 -9.50 -16.29 -6.69
CA GLU B 34 -8.87 -14.98 -6.90
C GLU B 34 -9.81 -13.87 -6.45
N ILE B 35 -9.22 -12.73 -6.13
CA ILE B 35 -9.97 -11.55 -5.70
C ILE B 35 -9.62 -10.42 -6.65
N TYR B 36 -10.66 -9.73 -7.14
CA TYR B 36 -10.52 -8.61 -8.06
C TYR B 36 -11.11 -7.35 -7.48
N ASP B 37 -10.50 -6.21 -7.87
CA ASP B 37 -11.19 -4.94 -7.76
C ASP B 37 -12.11 -4.82 -8.98
N ALA B 38 -13.38 -4.54 -8.75
CA ALA B 38 -14.32 -4.37 -9.85
C ALA B 38 -15.07 -3.06 -9.67
N LEU B 39 -15.53 -2.50 -10.78
CA LEU B 39 -16.42 -1.37 -10.70
C LEU B 39 -17.87 -1.87 -10.68
N ASP B 40 -18.62 -1.49 -9.64
CA ASP B 40 -20.05 -1.75 -9.58
C ASP B 40 -20.77 -0.65 -10.33
N MET B 41 -21.31 -0.98 -11.51
CA MET B 41 -21.90 0.09 -12.30
C MET B 41 -23.28 0.50 -11.83
N LEU B 42 -23.88 -0.22 -10.89
CA LEU B 42 -25.15 0.22 -10.32
C LEU B 42 -24.94 1.32 -9.30
N THR B 43 -24.01 1.12 -8.35
CA THR B 43 -23.74 2.09 -7.29
C THR B 43 -22.56 3.03 -7.63
N ARG B 44 -21.89 2.76 -8.76
CA ARG B 44 -20.76 3.60 -9.21
C ARG B 44 -19.69 3.70 -8.12
N GLU B 45 -19.23 2.52 -7.67
CA GLU B 45 -18.18 2.42 -6.64
C GLU B 45 -17.31 1.22 -6.97
N ASN B 46 -16.09 1.23 -6.44
CA ASN B 46 -15.27 0.02 -6.53
C ASN B 46 -15.67 -0.95 -5.43
N VAL B 47 -15.61 -2.24 -5.76
CA VAL B 47 -15.98 -3.34 -4.85
C VAL B 47 -14.96 -4.44 -5.02
N ALA B 48 -15.02 -5.44 -4.11
CA ALA B 48 -14.18 -6.63 -4.23
C ALA B 48 -15.03 -7.78 -4.76
N LEU B 49 -14.50 -8.44 -5.78
CA LEU B 49 -15.16 -9.56 -6.44
C LEU B 49 -14.29 -10.78 -6.22
N LYS B 50 -14.77 -11.76 -5.41
CA LYS B 50 -14.03 -13.00 -5.16
C LYS B 50 -14.64 -14.12 -6.01
N VAL B 51 -13.78 -14.83 -6.73
CA VAL B 51 -14.24 -15.88 -7.62
C VAL B 51 -13.50 -17.18 -7.35
N GLU B 52 -14.20 -18.26 -7.67
CA GLU B 52 -13.52 -19.56 -7.75
C GLU B 52 -13.97 -20.27 -9.01
N SER B 53 -13.03 -20.96 -9.64
CA SER B 53 -13.34 -21.69 -10.84
C SER B 53 -14.39 -22.76 -10.55
N ALA B 54 -15.36 -22.89 -11.44
CA ALA B 54 -16.40 -23.88 -11.25
C ALA B 54 -15.86 -25.29 -11.41
N GLN B 55 -14.61 -25.45 -11.86
CA GLN B 55 -14.01 -26.77 -11.91
C GLN B 55 -13.01 -27.01 -10.78
N GLN B 56 -12.86 -26.06 -9.85
CA GLN B 56 -12.12 -26.33 -8.63
C GLN B 56 -12.70 -27.56 -7.94
N PRO B 57 -11.88 -28.55 -7.57
CA PRO B 57 -12.43 -29.82 -7.08
C PRO B 57 -13.10 -29.73 -5.72
N LYS B 58 -12.65 -28.85 -4.84
CA LYS B 58 -13.21 -28.70 -3.50
C LYS B 58 -13.74 -27.29 -3.37
N GLN B 59 -14.88 -27.02 -3.97
CA GLN B 59 -15.41 -25.66 -3.94
C GLN B 59 -15.92 -25.31 -2.54
N VAL B 60 -15.72 -24.04 -2.16
CA VAL B 60 -16.10 -23.59 -0.82
C VAL B 60 -16.75 -22.21 -0.86
N LEU B 61 -16.95 -21.63 -2.06
CA LEU B 61 -17.58 -20.33 -2.07
C LEU B 61 -19.02 -20.38 -1.54
N LYS B 62 -19.71 -21.50 -1.68
CA LYS B 62 -21.04 -21.61 -1.08
C LYS B 62 -20.97 -21.37 0.43
N MET B 63 -19.99 -21.95 1.09
CA MET B 63 -19.84 -21.69 2.53
C MET B 63 -19.55 -20.22 2.78
N GLU B 64 -18.62 -19.67 2.01
CA GLU B 64 -18.22 -18.29 2.21
C GLU B 64 -19.42 -17.35 2.08
N VAL B 65 -20.26 -17.58 1.06
CA VAL B 65 -21.41 -16.70 0.86
C VAL B 65 -22.41 -16.85 2.01
N ALA B 66 -22.63 -18.08 2.47
CA ALA B 66 -23.56 -18.29 3.57
C ALA B 66 -23.09 -17.57 4.84
N VAL B 67 -21.78 -17.65 5.15
CA VAL B 67 -21.29 -17.05 6.38
C VAL B 67 -21.32 -15.53 6.27
N LEU B 68 -20.85 -15.00 5.12
CA LEU B 68 -20.88 -13.54 4.92
C LEU B 68 -22.30 -13.00 5.07
N LYS B 69 -23.29 -13.70 4.48
CA LYS B 69 -24.67 -13.25 4.62
C LYS B 69 -25.11 -13.30 6.09
N LYS B 70 -24.77 -14.38 6.80
CA LYS B 70 -25.23 -14.50 8.18
C LYS B 70 -24.59 -13.43 9.09
N LEU B 71 -23.40 -12.96 8.73
CA LEU B 71 -22.70 -11.97 9.52
C LEU B 71 -23.17 -10.55 9.23
N GLN B 72 -24.05 -10.34 8.21
CA GLN B 72 -24.45 -8.96 7.97
C GLN B 72 -25.14 -8.42 9.22
N GLY B 73 -24.76 -7.18 9.59
CA GLY B 73 -25.22 -6.61 10.84
C GLY B 73 -24.13 -6.54 11.88
N LYS B 74 -23.11 -7.39 11.76
CA LYS B 74 -22.01 -7.41 12.74
C LYS B 74 -20.94 -6.42 12.31
N ASP B 75 -20.24 -5.85 13.31
CA ASP B 75 -19.06 -5.06 13.04
C ASP B 75 -17.93 -5.98 12.52
N HIS B 76 -16.98 -5.37 11.86
CA HIS B 76 -15.78 -6.01 11.37
C HIS B 76 -16.05 -6.93 10.21
N VAL B 77 -17.17 -6.73 9.50
CA VAL B 77 -17.54 -7.60 8.40
C VAL B 77 -17.81 -6.73 7.19
N CYS B 78 -17.35 -7.18 6.04
CA CYS B 78 -17.64 -6.46 4.78
C CYS B 78 -19.11 -6.48 4.48
N ARG B 79 -19.60 -5.39 3.90
CA ARG B 79 -20.95 -5.40 3.36
CA ARG B 79 -20.95 -5.40 3.36
C ARG B 79 -21.07 -6.38 2.20
N PHE B 80 -22.14 -7.17 2.23
CA PHE B 80 -22.46 -8.08 1.14
C PHE B 80 -23.10 -7.30 -0.02
N ILE B 81 -22.62 -7.56 -1.25
CA ILE B 81 -23.11 -6.82 -2.43
C ILE B 81 -23.81 -7.72 -3.45
N GLY B 82 -23.35 -8.96 -3.62
CA GLY B 82 -24.00 -9.87 -4.57
C GLY B 82 -23.27 -11.21 -4.62
N CYS B 83 -23.88 -12.15 -5.34
CA CYS B 83 -23.24 -13.45 -5.52
C CYS B 83 -23.90 -14.17 -6.68
N GLY B 84 -23.21 -15.19 -7.18
CA GLY B 84 -23.77 -15.94 -8.32
C GLY B 84 -22.93 -17.13 -8.66
N ARG B 85 -23.47 -18.00 -9.51
CA ARG B 85 -22.86 -19.29 -9.83
C ARG B 85 -23.15 -19.56 -11.30
N ASN B 86 -22.11 -19.84 -12.09
CA ASN B 86 -22.34 -20.24 -13.49
C ASN B 86 -21.38 -21.36 -13.85
N ASP B 87 -21.35 -21.73 -15.13
CA ASP B 87 -20.58 -22.93 -15.47
C ASP B 87 -19.09 -22.65 -15.60
N ARG B 88 -18.65 -21.40 -15.51
CA ARG B 88 -17.23 -21.10 -15.50
C ARG B 88 -16.70 -20.81 -14.12
N PHE B 89 -17.49 -20.12 -13.30
CA PHE B 89 -17.03 -19.73 -11.98
C PHE B 89 -18.21 -19.43 -11.08
N ASN B 90 -17.93 -19.46 -9.76
CA ASN B 90 -18.80 -18.91 -8.71
C ASN B 90 -18.20 -17.61 -8.24
N TYR B 91 -19.05 -16.71 -7.76
CA TYR B 91 -18.51 -15.43 -7.28
C TYR B 91 -19.31 -14.88 -6.13
N VAL B 92 -18.64 -14.00 -5.38
CA VAL B 92 -19.29 -13.21 -4.34
C VAL B 92 -18.72 -11.79 -4.44
N VAL B 93 -19.58 -10.79 -4.22
CA VAL B 93 -19.19 -9.39 -4.31
C VAL B 93 -19.36 -8.76 -2.93
N MET B 94 -18.36 -7.99 -2.49
CA MET B 94 -18.44 -7.42 -1.16
C MET B 94 -17.69 -6.11 -1.12
N GLN B 95 -17.84 -5.42 0.02
CA GLN B 95 -17.15 -4.14 0.26
C GLN B 95 -15.65 -4.30 0.08
N LEU B 96 -15.03 -3.36 -0.66
CA LEU B 96 -13.59 -3.33 -0.90
C LEU B 96 -12.89 -2.64 0.28
N GLN B 97 -11.95 -3.32 0.87
CA GLN B 97 -11.19 -2.81 2.00
C GLN B 97 -9.79 -2.41 1.53
N GLY B 98 -8.94 -2.09 2.49
CA GLY B 98 -7.54 -1.69 2.25
C GLY B 98 -6.54 -2.80 2.50
N ARG B 99 -5.41 -2.45 3.14
CA ARG B 99 -4.30 -3.39 3.28
C ARG B 99 -4.55 -4.43 4.37
N ASN B 100 -4.07 -5.64 4.09
CA ASN B 100 -4.22 -6.69 5.09
C ASN B 100 -3.09 -6.59 6.12
N LEU B 101 -3.31 -7.25 7.28
CA LEU B 101 -2.38 -7.08 8.39
C LEU B 101 -1.05 -7.78 8.17
N ALA B 102 -1.03 -8.79 7.33
CA ALA B 102 0.24 -9.45 7.00
C ALA B 102 1.16 -8.47 6.26
N ASP B 103 0.62 -7.80 5.24
CA ASP B 103 1.34 -6.76 4.50
C ASP B 103 1.78 -5.65 5.43
N LEU B 104 0.87 -5.18 6.29
CA LEU B 104 1.26 -4.09 7.19
C LEU B 104 2.36 -4.53 8.15
N ARG B 105 2.27 -5.75 8.69
CA ARG B 105 3.32 -6.15 9.64
C ARG B 105 4.66 -6.34 8.92
N ARG B 106 4.65 -6.83 7.68
CA ARG B 106 5.92 -7.05 6.98
C ARG B 106 6.63 -5.74 6.66
N SER B 107 5.88 -4.64 6.60
CA SER B 107 6.46 -3.37 6.35
C SER B 107 7.18 -2.83 7.58
N GLN B 108 6.94 -3.41 8.74
CA GLN B 108 7.51 -2.89 9.97
C GLN B 108 8.95 -3.31 10.12
N SER B 109 9.74 -2.41 10.74
CA SER B 109 11.19 -2.52 10.85
C SER B 109 11.67 -3.92 11.14
N ARG B 110 11.10 -4.57 12.16
CA ARG B 110 11.53 -5.90 12.58
C ARG B 110 10.36 -6.89 12.53
N GLY B 111 9.41 -6.62 11.66
CA GLY B 111 8.20 -7.43 11.66
C GLY B 111 7.35 -7.31 12.91
N THR B 112 7.54 -6.24 13.70
CA THR B 112 6.84 -6.10 14.97
C THR B 112 5.93 -4.88 14.95
N PHE B 113 4.81 -5.00 15.64
CA PHE B 113 3.93 -3.89 15.99
C PHE B 113 4.17 -3.53 17.44
N THR B 114 3.99 -2.23 17.76
CA THR B 114 3.98 -1.82 19.16
C THR B 114 2.84 -2.49 19.95
N ILE B 115 3.01 -2.46 21.27
CA ILE B 115 1.94 -2.99 22.11
C ILE B 115 0.64 -2.20 21.89
N SER B 116 0.73 -0.90 21.63
CA SER B 116 -0.47 -0.10 21.41
C SER B 116 -1.24 -0.57 20.17
N THR B 117 -0.53 -0.75 19.05
CA THR B 117 -1.16 -1.26 17.84
C THR B 117 -1.63 -2.70 18.04
N THR B 118 -0.81 -3.53 18.73
CA THR B 118 -1.16 -4.94 18.88
C THR B 118 -2.41 -5.10 19.74
N LEU B 119 -2.53 -4.33 20.84
CA LEU B 119 -3.69 -4.49 21.71
C LEU B 119 -4.97 -4.04 21.02
N ARG B 120 -4.93 -2.93 20.29
CA ARG B 120 -6.13 -2.44 19.64
C ARG B 120 -6.56 -3.35 18.49
N LEU B 121 -5.62 -3.84 17.69
CA LEU B 121 -5.95 -4.83 16.66
C LEU B 121 -6.46 -6.12 17.28
N GLY B 122 -5.79 -6.59 18.33
CA GLY B 122 -6.21 -7.86 18.96
C GLY B 122 -7.63 -7.76 19.47
N ARG B 123 -7.98 -6.61 20.10
CA ARG B 123 -9.34 -6.43 20.63
C ARG B 123 -10.34 -6.47 19.48
N GLN B 124 -10.02 -5.82 18.36
CA GLN B 124 -10.96 -5.85 17.23
C GLN B 124 -11.10 -7.24 16.63
N ILE B 125 -10.00 -7.96 16.57
CA ILE B 125 -10.02 -9.35 16.07
C ILE B 125 -10.80 -10.25 17.04
N LEU B 126 -10.64 -10.07 18.36
CA LEU B 126 -11.45 -10.84 19.30
C LEU B 126 -12.94 -10.55 19.11
N GLU B 127 -13.29 -9.30 18.87
CA GLU B 127 -14.70 -8.99 18.63
C GLU B 127 -15.22 -9.74 17.41
N SER B 128 -14.44 -9.76 16.33
CA SER B 128 -14.88 -10.43 15.11
C SER B 128 -14.97 -11.94 15.32
N ILE B 129 -14.08 -12.50 16.13
CA ILE B 129 -14.17 -13.94 16.40
C ILE B 129 -15.43 -14.26 17.24
N GLU B 130 -15.72 -13.43 18.24
CA GLU B 130 -16.96 -13.68 19.00
C GLU B 130 -18.18 -13.58 18.09
N SER B 131 -18.14 -12.63 17.14
CA SER B 131 -19.26 -12.46 16.23
C SER B 131 -19.50 -13.66 15.32
N ILE B 132 -18.45 -14.21 14.73
CA ILE B 132 -18.69 -15.35 13.85
C ILE B 132 -19.13 -16.55 14.68
N HIS B 133 -18.54 -16.73 15.89
CA HIS B 133 -19.02 -17.83 16.73
C HIS B 133 -20.48 -17.66 17.08
N SER B 134 -20.91 -16.38 17.28
CA SER B 134 -22.27 -16.12 17.72
C SER B 134 -23.31 -16.44 16.68
N VAL B 135 -22.90 -16.53 15.40
CA VAL B 135 -23.83 -16.98 14.36
C VAL B 135 -23.60 -18.44 14.00
N GLY B 136 -22.76 -19.16 14.77
CA GLY B 136 -22.76 -20.60 14.67
C GLY B 136 -21.58 -21.16 13.90
N PHE B 137 -20.63 -20.34 13.48
CA PHE B 137 -19.55 -20.81 12.64
C PHE B 137 -18.19 -20.58 13.27
N LEU B 138 -17.28 -21.52 12.98
CA LEU B 138 -15.85 -21.36 13.25
C LEU B 138 -15.16 -20.83 12.01
N HIS B 139 -14.17 -19.96 12.22
CA HIS B 139 -13.45 -19.46 11.06
C HIS B 139 -12.46 -20.47 10.55
N ARG B 140 -11.62 -20.99 11.46
CA ARG B 140 -10.64 -22.04 11.27
C ARG B 140 -9.40 -21.62 10.47
N ASP B 141 -9.30 -20.36 10.07
CA ASP B 141 -8.04 -19.92 9.44
C ASP B 141 -7.76 -18.47 9.84
N ILE B 142 -7.82 -18.21 11.14
CA ILE B 142 -7.46 -16.91 11.69
C ILE B 142 -5.98 -16.67 11.48
N LYS B 143 -5.61 -15.59 10.79
CA LYS B 143 -4.21 -15.26 10.51
C LYS B 143 -4.17 -13.86 9.93
N PRO B 144 -3.00 -13.23 9.91
CA PRO B 144 -2.96 -11.79 9.57
C PRO B 144 -3.49 -11.47 8.19
N SER B 145 -3.24 -12.32 7.19
CA SER B 145 -3.72 -11.96 5.84
C SER B 145 -5.23 -12.05 5.71
N ASN B 146 -5.91 -12.62 6.70
CA ASN B 146 -7.36 -12.67 6.63
C ASN B 146 -8.02 -11.55 7.42
N PHE B 147 -7.28 -10.50 7.72
CA PHE B 147 -7.83 -9.27 8.30
C PHE B 147 -7.29 -8.09 7.50
N ALA B 148 -8.16 -7.08 7.27
CA ALA B 148 -7.69 -5.89 6.54
C ALA B 148 -8.28 -4.63 7.15
N MET B 149 -7.50 -3.51 7.07
CA MET B 149 -8.08 -2.26 7.49
C MET B 149 -8.94 -1.68 6.37
N GLY B 150 -9.87 -0.83 6.74
CA GLY B 150 -10.66 -0.09 5.77
C GLY B 150 -9.79 0.82 4.92
N ARG B 151 -10.37 1.34 3.83
CA ARG B 151 -9.60 2.16 2.87
C ARG B 151 -10.06 3.61 2.80
N PHE B 152 -10.98 4.04 3.64
CA PHE B 152 -11.45 5.42 3.65
C PHE B 152 -11.13 6.04 5.02
N PRO B 153 -11.10 7.36 5.12
CA PRO B 153 -10.88 7.99 6.45
C PRO B 153 -11.81 7.44 7.52
N SER B 154 -13.07 7.19 7.17
CA SER B 154 -14.04 6.69 8.13
C SER B 154 -13.92 5.19 8.44
N THR B 155 -13.15 4.41 7.66
CA THR B 155 -13.04 2.97 7.90
C THR B 155 -11.62 2.51 8.11
N CYS B 156 -10.62 3.37 7.96
CA CYS B 156 -9.26 2.85 7.96
C CYS B 156 -8.75 2.56 9.36
N ARG B 157 -9.50 2.90 10.42
CA ARG B 157 -9.13 2.54 11.77
C ARG B 157 -9.91 1.33 12.22
N LYS B 158 -10.69 0.75 11.30
CA LYS B 158 -11.48 -0.47 11.56
C LYS B 158 -10.84 -1.64 10.85
N CYS B 159 -10.73 -2.76 11.56
CA CYS B 159 -10.20 -3.99 11.04
C CYS B 159 -11.36 -4.92 10.68
N TYR B 160 -11.30 -5.48 9.48
CA TYR B 160 -12.36 -6.35 8.97
C TYR B 160 -11.85 -7.78 8.83
N MET B 161 -12.69 -8.73 9.29
CA MET B 161 -12.42 -10.16 9.13
C MET B 161 -12.79 -10.60 7.72
N LEU B 162 -11.90 -11.34 7.06
CA LEU B 162 -12.09 -11.83 5.71
C LEU B 162 -12.02 -13.35 5.68
N ASP B 163 -12.51 -13.91 4.57
CA ASP B 163 -12.17 -15.28 4.13
C ASP B 163 -12.86 -16.34 4.97
N PHE B 164 -14.09 -16.63 4.56
CA PHE B 164 -14.90 -17.62 5.25
C PHE B 164 -14.95 -18.94 4.51
N GLY B 165 -14.08 -19.15 3.52
CA GLY B 165 -14.18 -20.38 2.73
C GLY B 165 -13.94 -21.65 3.54
N LEU B 166 -13.08 -21.57 4.54
CA LEU B 166 -12.72 -22.75 5.34
C LEU B 166 -13.55 -22.86 6.61
N ALA B 167 -14.56 -22.03 6.78
CA ALA B 167 -15.42 -22.08 7.95
C ALA B 167 -16.17 -23.39 8.05
N ARG B 168 -16.62 -23.68 9.25
CA ARG B 168 -17.50 -24.84 9.48
C ARG B 168 -18.52 -24.49 10.56
N GLN B 169 -19.76 -24.89 10.33
CA GLN B 169 -20.77 -24.66 11.34
C GLN B 169 -20.52 -25.58 12.52
N PHE B 170 -20.51 -25.02 13.74
CA PHE B 170 -20.39 -25.90 14.91
C PHE B 170 -21.69 -26.11 15.64
N THR B 171 -22.77 -25.48 15.21
CA THR B 171 -24.08 -25.68 15.79
C THR B 171 -24.91 -26.58 14.89
N ASN B 172 -25.99 -27.07 15.52
CA ASN B 172 -27.18 -27.75 15.02
C ASN B 172 -28.14 -26.78 14.33
N SER B 173 -29.13 -27.39 13.65
CA SER B 173 -30.35 -26.69 13.24
C SER B 173 -31.03 -26.00 14.42
N CYS B 174 -30.87 -26.54 15.64
CA CYS B 174 -31.47 -25.97 16.86
C CYS B 174 -30.56 -24.99 17.57
N GLY B 175 -29.30 -24.85 17.14
CA GLY B 175 -28.35 -24.05 17.87
C GLY B 175 -27.60 -24.79 18.96
N ASP B 176 -27.90 -26.07 19.19
CA ASP B 176 -27.05 -26.91 20.03
C ASP B 176 -25.66 -27.04 19.37
N VAL B 177 -24.63 -27.22 20.22
CA VAL B 177 -23.31 -27.63 19.72
C VAL B 177 -23.40 -29.01 19.09
N ARG B 178 -22.85 -29.16 17.88
CA ARG B 178 -22.99 -30.44 17.19
C ARG B 178 -21.96 -31.44 17.71
N PRO B 179 -22.28 -32.74 17.70
CA PRO B 179 -21.27 -33.77 18.08
C PRO B 179 -20.08 -33.69 17.15
N PRO B 180 -18.86 -33.70 17.66
CA PRO B 180 -17.70 -33.61 16.78
C PRO B 180 -17.44 -34.90 16.03
N ARG B 181 -16.84 -34.75 14.84
CA ARG B 181 -16.35 -35.92 14.14
C ARG B 181 -15.17 -36.55 14.87
N ALA B 182 -14.99 -37.85 14.64
CA ALA B 182 -13.83 -38.49 15.26
C ALA B 182 -12.52 -38.01 14.64
N VAL B 183 -12.54 -37.69 13.35
CA VAL B 183 -11.39 -37.20 12.61
C VAL B 183 -11.83 -36.03 11.74
N ALA B 184 -11.01 -34.99 11.70
CA ALA B 184 -11.35 -33.81 10.93
C ALA B 184 -10.10 -33.41 10.13
N GLY B 185 -10.25 -33.29 8.81
CA GLY B 185 -9.14 -32.85 7.99
C GLY B 185 -8.69 -31.46 8.40
N PHE B 186 -7.37 -31.25 8.35
CA PHE B 186 -6.73 -29.98 8.73
C PHE B 186 -6.80 -29.02 7.55
N ARG B 187 -7.47 -27.88 7.72
CA ARG B 187 -7.72 -27.00 6.58
C ARG B 187 -6.94 -25.70 6.62
N GLY B 188 -6.50 -25.26 7.79
CA GLY B 188 -5.95 -23.92 7.98
C GLY B 188 -4.48 -23.81 7.70
N THR B 189 -3.83 -22.90 8.40
CA THR B 189 -2.44 -22.54 8.15
C THR B 189 -1.59 -23.07 9.28
N VAL B 190 -0.52 -23.80 8.90
CA VAL B 190 0.26 -24.50 9.91
C VAL B 190 0.79 -23.54 10.97
N ARG B 191 1.30 -22.38 10.56
CA ARG B 191 1.95 -21.51 11.54
C ARG B 191 1.02 -21.10 12.69
N TYR B 192 -0.28 -20.89 12.41
CA TYR B 192 -1.20 -20.36 13.41
C TYR B 192 -2.15 -21.41 13.98
N ALA B 193 -1.99 -22.67 13.59
CA ALA B 193 -2.92 -23.71 13.98
C ALA B 193 -2.77 -24.12 15.44
N SER B 194 -3.87 -24.44 16.08
CA SER B 194 -3.78 -24.92 17.44
C SER B 194 -3.39 -26.39 17.49
N ILE B 195 -2.97 -26.82 18.70
CA ILE B 195 -2.69 -28.22 19.00
C ILE B 195 -3.81 -29.11 18.52
N ASN B 196 -5.04 -28.78 18.95
CA ASN B 196 -6.21 -29.56 18.56
C ASN B 196 -6.30 -29.65 17.03
N ALA B 197 -6.11 -28.52 16.33
CA ALA B 197 -6.14 -28.56 14.87
C ALA B 197 -5.08 -29.51 14.31
N HIS B 198 -3.85 -29.46 14.82
CA HIS B 198 -2.76 -30.34 14.40
C HIS B 198 -3.08 -31.82 14.58
N ARG B 199 -3.84 -32.15 15.61
CA ARG B 199 -4.16 -33.55 15.89
C ARG B 199 -5.24 -34.11 14.97
N ASN B 200 -5.75 -33.30 14.04
CA ASN B 200 -6.88 -33.72 13.20
C ASN B 200 -8.10 -34.10 14.04
N ARG B 201 -8.30 -33.35 15.12
CA ARG B 201 -9.52 -33.45 15.88
C ARG B 201 -10.45 -32.35 15.43
N GLU B 202 -11.72 -32.51 15.77
CA GLU B 202 -12.69 -31.49 15.38
C GLU B 202 -12.36 -30.17 16.09
N MET B 203 -12.26 -29.10 15.29
CA MET B 203 -11.92 -27.83 15.92
C MET B 203 -13.14 -27.25 16.62
N GLY B 204 -12.85 -26.40 17.60
CA GLY B 204 -13.88 -25.68 18.33
C GLY B 204 -13.57 -24.17 18.38
N ARG B 205 -14.45 -23.49 19.12
CA ARG B 205 -14.32 -22.02 19.27
C ARG B 205 -12.96 -21.67 19.85
N HIS B 206 -12.47 -22.50 20.79
CA HIS B 206 -11.18 -22.18 21.41
C HIS B 206 -10.02 -22.26 20.43
N ASP B 207 -10.14 -23.03 19.33
CA ASP B 207 -9.04 -23.11 18.40
C ASP B 207 -8.87 -21.83 17.58
N ASP B 208 -9.96 -21.11 17.33
CA ASP B 208 -9.84 -19.80 16.72
C ASP B 208 -9.16 -18.83 17.68
N LEU B 209 -9.43 -19.00 19.00
CA LEU B 209 -8.78 -18.11 19.97
C LEU B 209 -7.29 -18.43 20.14
N TRP B 210 -6.91 -19.73 20.03
CA TRP B 210 -5.49 -20.05 19.98
C TRP B 210 -4.80 -19.37 18.81
N SER B 211 -5.43 -19.38 17.61
CA SER B 211 -4.82 -18.71 16.47
C SER B 211 -4.65 -17.22 16.72
N LEU B 212 -5.65 -16.60 17.38
CA LEU B 212 -5.51 -15.19 17.80
C LEU B 212 -4.31 -15.02 18.72
N PHE B 213 -4.15 -15.94 19.70
CA PHE B 213 -3.03 -15.79 20.63
C PHE B 213 -1.70 -15.84 19.88
N TYR B 214 -1.57 -16.79 18.94
CA TYR B 214 -0.35 -16.86 18.14
C TYR B 214 -0.13 -15.62 17.29
N MET B 215 -1.20 -15.06 16.69
CA MET B 215 -1.08 -13.77 15.98
C MET B 215 -0.58 -12.66 16.88
N LEU B 216 -1.14 -12.55 18.09
CA LEU B 216 -0.73 -11.48 19.00
C LEU B 216 0.75 -11.60 19.32
N VAL B 217 1.18 -12.83 19.65
CA VAL B 217 2.58 -13.05 19.97
C VAL B 217 3.47 -12.67 18.81
N GLU B 218 3.08 -13.10 17.59
CA GLU B 218 3.87 -12.79 16.41
C GLU B 218 3.91 -11.28 16.16
N PHE B 219 2.81 -10.59 16.41
CA PHE B 219 2.81 -9.12 16.29
C PHE B 219 3.86 -8.48 17.21
N VAL B 220 3.93 -8.90 18.46
CA VAL B 220 4.78 -8.18 19.41
C VAL B 220 6.25 -8.62 19.32
N VAL B 221 6.48 -9.94 19.14
CA VAL B 221 7.82 -10.53 19.04
C VAL B 221 8.39 -10.42 17.62
N GLY B 222 7.55 -10.52 16.61
CA GLY B 222 7.95 -10.49 15.21
C GLY B 222 8.06 -11.86 14.58
N GLN B 223 8.01 -12.92 15.37
CA GLN B 223 8.09 -14.26 14.82
C GLN B 223 7.51 -15.20 15.87
N LEU B 224 7.18 -16.42 15.42
CA LEU B 224 6.78 -17.51 16.29
C LEU B 224 7.90 -18.55 16.39
N PRO B 225 7.86 -19.39 17.43
CA PRO B 225 9.04 -20.24 17.69
C PRO B 225 9.29 -21.26 16.61
N TRP B 226 8.22 -21.64 15.90
CA TRP B 226 8.26 -22.63 14.83
C TRP B 226 8.34 -21.98 13.46
N ARG B 227 8.76 -20.72 13.40
CA ARG B 227 8.74 -19.98 12.13
C ARG B 227 9.48 -20.72 11.02
N LYS B 228 10.64 -21.33 11.35
CA LYS B 228 11.49 -21.90 10.30
C LYS B 228 11.14 -23.35 9.97
N ILE B 229 10.21 -23.95 10.70
CA ILE B 229 9.83 -25.33 10.55
C ILE B 229 8.62 -25.37 9.62
N LYS B 230 8.76 -26.07 8.51
CA LYS B 230 7.64 -26.15 7.57
C LYS B 230 6.98 -27.52 7.55
N ASP B 231 7.59 -28.53 8.13
CA ASP B 231 6.92 -29.82 8.27
C ASP B 231 5.80 -29.72 9.32
N LYS B 232 4.57 -29.95 8.88
CA LYS B 232 3.41 -29.77 9.75
C LYS B 232 3.49 -30.63 11.01
N GLU B 233 3.91 -31.89 10.87
CA GLU B 233 3.90 -32.76 12.03
C GLU B 233 4.97 -32.33 13.04
N GLN B 234 6.09 -31.83 12.55
CA GLN B 234 7.12 -31.32 13.44
C GLN B 234 6.65 -30.04 14.15
N VAL B 235 5.92 -29.17 13.44
CA VAL B 235 5.37 -28.00 14.12
C VAL B 235 4.41 -28.44 15.22
N GLY B 236 3.55 -29.41 14.91
CA GLY B 236 2.61 -29.87 15.92
C GLY B 236 3.30 -30.46 17.13
N SER B 237 4.37 -31.23 16.92
CA SER B 237 5.14 -31.78 18.05
C SER B 237 5.68 -30.66 18.91
N ILE B 238 6.22 -29.61 18.29
CA ILE B 238 6.74 -28.48 19.06
C ILE B 238 5.64 -27.87 19.90
N LYS B 239 4.46 -27.63 19.29
CA LYS B 239 3.39 -26.93 20.01
C LYS B 239 2.89 -27.80 21.17
N GLU B 240 2.85 -29.12 20.98
CA GLU B 240 2.32 -29.99 22.02
C GLU B 240 3.16 -29.93 23.26
N ARG B 241 4.45 -29.67 23.10
CA ARG B 241 5.38 -29.70 24.20
C ARG B 241 5.76 -28.32 24.66
N TYR B 242 5.32 -27.28 23.93
CA TYR B 242 5.82 -25.94 24.19
C TYR B 242 5.20 -25.41 25.47
N ASP B 243 6.02 -24.73 26.27
CA ASP B 243 5.47 -24.02 27.43
C ASP B 243 4.99 -22.65 26.96
N HIS B 244 3.68 -22.51 26.69
CA HIS B 244 3.17 -21.23 26.18
C HIS B 244 3.34 -20.09 27.16
N ARG B 245 3.61 -20.34 28.43
CA ARG B 245 3.91 -19.21 29.31
C ARG B 245 5.13 -18.43 28.85
N LEU B 246 6.01 -19.04 28.06
CA LEU B 246 7.17 -18.31 27.57
C LEU B 246 6.76 -17.15 26.68
N MET B 247 5.59 -17.26 26.06
CA MET B 247 5.10 -16.17 25.22
C MET B 247 4.60 -14.97 26.01
N LEU B 248 4.36 -15.12 27.30
CA LEU B 248 3.81 -14.05 28.10
C LEU B 248 4.81 -12.95 28.31
N LYS B 249 6.09 -13.26 28.04
CA LYS B 249 7.19 -12.35 28.27
C LYS B 249 6.93 -10.97 27.70
N HIS B 250 6.43 -10.90 26.47
CA HIS B 250 6.35 -9.59 25.81
C HIS B 250 4.92 -9.15 25.68
N LEU B 251 4.03 -9.73 26.43
CA LEU B 251 2.66 -9.25 26.47
C LEU B 251 2.35 -8.65 27.84
N PRO B 252 1.37 -7.76 27.92
CA PRO B 252 0.93 -7.19 29.21
C PRO B 252 0.60 -8.31 30.21
N PRO B 253 0.77 -8.03 31.51
CA PRO B 253 0.62 -9.11 32.49
C PRO B 253 -0.71 -9.83 32.44
N GLU B 254 -1.82 -9.16 32.12
CA GLU B 254 -3.10 -9.87 32.20
C GLU B 254 -3.26 -10.94 31.13
N PHE B 255 -2.34 -11.02 30.18
CA PHE B 255 -2.47 -12.10 29.20
C PHE B 255 -2.17 -13.46 29.82
N SER B 256 -1.64 -13.52 31.03
CA SER B 256 -1.61 -14.80 31.72
C SER B 256 -3.02 -15.32 31.95
N ILE B 257 -3.96 -14.41 32.21
CA ILE B 257 -5.36 -14.78 32.36
C ILE B 257 -5.92 -15.30 31.06
N PHE B 258 -5.63 -14.61 29.96
CA PHE B 258 -6.06 -15.04 28.63
C PHE B 258 -5.57 -16.45 28.32
N LEU B 259 -4.26 -16.68 28.52
CA LEU B 259 -3.66 -17.98 28.19
C LEU B 259 -4.21 -19.08 29.10
N ASP B 260 -4.31 -18.81 30.40
CA ASP B 260 -4.89 -19.81 31.29
C ASP B 260 -6.31 -20.15 30.87
N HIS B 261 -7.09 -19.14 30.48
CA HIS B 261 -8.47 -19.47 30.09
C HIS B 261 -8.51 -20.32 28.81
N ILE B 262 -7.83 -19.90 27.74
CA ILE B 262 -7.98 -20.68 26.51
C ILE B 262 -7.38 -22.07 26.69
N SER B 263 -6.40 -22.22 27.59
CA SER B 263 -5.81 -23.53 27.82
C SER B 263 -6.77 -24.45 28.53
N SER B 264 -7.73 -23.89 29.23
CA SER B 264 -8.73 -24.66 29.97
C SER B 264 -9.85 -25.13 29.06
N LEU B 265 -9.94 -24.58 27.85
CA LEU B 265 -11.10 -24.89 27.05
C LEU B 265 -10.90 -26.16 26.24
N ASP B 266 -12.02 -26.70 25.76
CA ASP B 266 -12.00 -27.80 24.78
C ASP B 266 -13.19 -27.59 23.84
N TYR B 267 -13.43 -28.59 22.98
CA TYR B 267 -14.47 -28.42 21.94
C TYR B 267 -15.82 -28.10 22.57
N PHE B 268 -16.12 -28.72 23.70
CA PHE B 268 -17.43 -28.64 24.32
C PHE B 268 -17.62 -27.45 25.25
N THR B 269 -16.65 -26.53 25.37
CA THR B 269 -16.74 -25.50 26.40
C THR B 269 -16.82 -24.14 25.69
N LYS B 270 -17.92 -23.40 25.90
CA LYS B 270 -18.01 -22.07 25.28
C LYS B 270 -16.99 -21.16 25.95
N PRO B 271 -16.24 -20.38 25.17
CA PRO B 271 -15.29 -19.45 25.78
C PRO B 271 -15.99 -18.41 26.63
N ASP B 272 -15.26 -17.90 27.63
CA ASP B 272 -15.72 -16.75 28.41
C ASP B 272 -15.19 -15.52 27.67
N TYR B 273 -16.00 -15.08 26.70
CA TYR B 273 -15.54 -13.96 25.88
C TYR B 273 -15.43 -12.69 26.71
N GLN B 274 -16.31 -12.51 27.70
CA GLN B 274 -16.25 -11.31 28.56
C GLN B 274 -14.92 -11.28 29.32
N LEU B 275 -14.47 -12.44 29.79
CA LEU B 275 -13.16 -12.47 30.45
C LEU B 275 -12.05 -12.10 29.50
N LEU B 276 -12.04 -12.70 28.31
CA LEU B 276 -11.00 -12.40 27.33
C LEU B 276 -11.03 -10.93 26.93
N THR B 277 -12.24 -10.36 26.75
CA THR B 277 -12.33 -8.93 26.42
C THR B 277 -11.75 -8.09 27.56
N SER B 278 -11.98 -8.50 28.81
CA SER B 278 -11.46 -7.69 29.91
C SER B 278 -9.94 -7.64 29.92
N VAL B 279 -9.26 -8.71 29.45
CA VAL B 279 -7.81 -8.70 29.38
C VAL B 279 -7.33 -7.58 28.46
N PHE B 280 -8.00 -7.44 27.31
CA PHE B 280 -7.65 -6.33 26.41
C PHE B 280 -8.05 -4.99 27.00
N ASP B 281 -9.27 -4.87 27.54
CA ASP B 281 -9.70 -3.59 28.09
C ASP B 281 -8.76 -3.14 29.20
N ASN B 282 -8.44 -4.06 30.12
CA ASN B 282 -7.62 -3.68 31.27
C ASN B 282 -6.18 -3.35 30.83
N SER B 283 -5.63 -4.11 29.88
CA SER B 283 -4.27 -3.83 29.41
C SER B 283 -4.20 -2.51 28.69
N ILE B 284 -5.19 -2.23 27.84
CA ILE B 284 -5.21 -0.96 27.11
C ILE B 284 -5.26 0.20 28.08
N LYS B 285 -6.09 0.07 29.12
CA LYS B 285 -6.14 1.13 30.14
C LYS B 285 -4.81 1.26 30.90
N THR B 286 -4.25 0.13 31.34
CA THR B 286 -3.02 0.21 32.11
C THR B 286 -1.90 0.86 31.32
N PHE B 287 -1.84 0.63 30.02
CA PHE B 287 -0.79 1.14 29.16
C PHE B 287 -1.11 2.53 28.61
N GLY B 288 -2.25 3.12 28.97
CA GLY B 288 -2.62 4.46 28.53
C GLY B 288 -3.00 4.59 27.07
N VAL B 289 -3.31 3.47 26.41
CA VAL B 289 -3.58 3.47 24.98
C VAL B 289 -4.98 4.04 24.77
N ILE B 290 -5.14 4.93 23.76
CA ILE B 290 -6.46 5.40 23.40
C ILE B 290 -6.66 5.15 21.91
N GLU B 291 -7.93 5.04 21.49
CA GLU B 291 -8.25 4.63 20.12
C GLU B 291 -7.59 5.54 19.08
N SER B 292 -7.52 6.83 19.36
CA SER B 292 -7.04 7.78 18.37
C SER B 292 -5.52 7.82 18.26
N ASP B 293 -4.78 7.09 19.10
CA ASP B 293 -3.33 7.08 18.97
C ASP B 293 -2.96 6.54 17.59
N PRO B 294 -1.90 7.06 16.96
CA PRO B 294 -1.55 6.57 15.63
C PRO B 294 -1.21 5.08 15.67
N PHE B 295 -1.71 4.34 14.67
CA PHE B 295 -1.21 2.98 14.44
C PHE B 295 0.22 3.06 13.88
N ASP B 296 0.94 1.94 13.96
CA ASP B 296 2.36 1.98 13.55
C ASP B 296 2.59 2.40 12.09
N TRP B 297 1.68 2.05 11.19
CA TRP B 297 1.85 2.35 9.78
C TRP B 297 1.50 3.80 9.47
N GLU B 298 0.98 4.53 10.44
CA GLU B 298 0.77 5.95 10.25
C GLU B 298 2.03 6.71 10.63
PB ADP C . 0.91 17.71 -4.70
O1B ADP C . 2.32 17.21 -4.41
O2B ADP C . 0.88 19.18 -5.10
O3B ADP C . -0.07 17.38 -3.60
PA ADP C . 0.87 15.51 -6.70
O1A ADP C . 2.31 15.19 -6.40
O2A ADP C . 0.48 15.61 -8.16
O3A ADP C . 0.44 16.89 -6.02
O5' ADP C . -0.08 14.45 -5.97
C5' ADP C . 0.25 14.13 -4.61
C4' ADP C . 0.24 12.63 -4.48
O4' ADP C . -0.92 12.16 -5.18
C3' ADP C . 1.40 11.87 -5.16
O3' ADP C . 2.48 11.82 -4.24
C2' ADP C . 0.78 10.50 -5.47
O2' ADP C . 0.75 9.51 -4.46
C1' ADP C . -0.63 10.93 -5.82
N9 ADP C . -0.81 11.12 -7.25
C8 ADP C . -0.66 12.25 -8.04
N7 ADP C . -0.96 12.04 -9.30
C5 ADP C . -1.31 10.69 -9.35
C6 ADP C . -1.73 9.85 -10.39
N6 ADP C . -1.88 10.23 -11.65
N1 ADP C . -1.99 8.56 -10.07
C2 ADP C . -1.86 8.18 -8.79
N3 ADP C . -1.47 8.86 -7.72
C4 ADP C . -1.22 10.13 -8.08
P PO4 D . 8.34 30.92 -10.34
O1 PO4 D . 9.75 30.66 -9.91
O2 PO4 D . 8.22 32.37 -9.98
O3 PO4 D . 7.46 30.00 -9.52
O4 PO4 D . 8.35 30.56 -11.77
NA NA E . -1.38 27.61 -20.44
NA NA F . -2.63 25.41 -19.43
P PO4 G . 12.49 36.03 -20.56
O1 PO4 G . 13.17 35.16 -19.52
O2 PO4 G . 12.74 35.50 -21.96
O3 PO4 G . 13.09 37.41 -20.46
O4 PO4 G . 11.01 36.16 -20.23
P PO4 H . 12.01 32.21 -0.77
O1 PO4 H . 12.37 31.33 0.40
O2 PO4 H . 12.91 33.43 -0.79
O3 PO4 H . 10.58 32.66 -0.69
O4 PO4 H . 12.21 31.43 -2.04
NA NA I . 11.30 30.50 -8.57
NA NA J . 28.31 28.26 -18.24
MG MG K . 3.73 16.23 -5.42
PB ADP L . -7.70 -16.58 -0.18
O1B ADP L . -6.92 -16.59 1.12
O2B ADP L . -8.55 -17.83 -0.41
O3B ADP L . -6.79 -16.27 -1.39
PA ADP L . -8.99 -14.11 0.82
O1A ADP L . -8.22 -14.30 2.10
O2A ADP L . -10.44 -13.88 0.89
O3A ADP L . -8.79 -15.36 -0.13
O5' ADP L . -8.31 -12.90 -0.01
C5' ADP L . -6.85 -12.92 -0.24
C4' ADP L . -6.34 -11.52 -0.07
O4' ADP L . -7.15 -10.64 -0.92
C3' ADP L . -6.48 -10.93 1.33
O3' ADP L . -5.34 -11.28 2.12
C2' ADP L . -6.58 -9.43 1.05
O2' ADP L . -5.32 -8.83 0.83
C1' ADP L . -7.35 -9.42 -0.27
N9 ADP L . -8.81 -9.23 -0.08
C8 ADP L . -9.77 -10.22 0.10
N7 ADP L . -10.97 -9.70 0.30
C5 ADP L . -10.78 -8.32 0.25
C6 ADP L . -11.67 -7.26 0.38
N6 ADP L . -12.97 -7.39 0.63
N1 ADP L . -11.14 -6.01 0.27
C2 ADP L . -9.83 -5.88 0.02
N3 ADP L . -8.89 -6.83 -0.09
C4 ADP L . -9.47 -8.05 0.01
C1 GOL M . -6.88 -23.72 0.02
O1 GOL M . -7.95 -23.69 -0.86
C2 GOL M . -7.41 -23.31 1.41
O2 GOL M . -6.86 -24.07 2.42
C3 GOL M . -7.09 -21.77 1.54
O3 GOL M . -6.70 -21.50 2.85
P PO4 N . -14.58 -29.84 6.21
O1 PO4 N . -13.87 -31.09 6.64
O2 PO4 N . -13.50 -28.89 5.66
O3 PO4 N . -15.30 -29.19 7.34
O4 PO4 N . -15.56 -30.13 5.10
P PO4 O . -19.52 -33.46 7.17
O1 PO4 O . -19.56 -33.56 8.68
O2 PO4 O . -20.90 -33.14 6.65
O3 PO4 O . -18.57 -32.36 6.74
O4 PO4 O . -19.06 -34.78 6.60
P PO4 P . -24.68 -33.21 13.18
O1 PO4 P . -24.99 -34.69 13.33
O2 PO4 P . -24.94 -32.77 11.76
O3 PO4 P . -23.22 -32.99 13.46
O4 PO4 P . -25.54 -32.43 14.18
P PO4 Q . -23.47 -22.54 23.52
O1 PO4 Q . -22.35 -23.51 23.87
O2 PO4 Q . -23.97 -21.90 24.80
O3 PO4 Q . -24.59 -23.32 22.84
O4 PO4 Q . -23.06 -21.45 22.55
MG MG R . -7.22 -15.84 2.98
P PO4 S . -29.19 -23.70 10.28
O1 PO4 S . -28.41 -24.91 10.72
O2 PO4 S . -30.56 -24.15 9.85
O3 PO4 S . -28.50 -23.04 9.12
O4 PO4 S . -29.30 -22.72 11.42
#